data_8PTR
#
_entry.id   8PTR
#
_cell.length_a   90.883
_cell.length_b   126.5
_cell.length_c   60.177
_cell.angle_alpha   90
_cell.angle_beta   90
_cell.angle_gamma   90
#
_symmetry.space_group_name_H-M   'C 2 2 21'
#
loop_
_entity.id
_entity.type
_entity.pdbx_description
1 polymer 'Monoglyceride lipase'
2 non-polymer (3~{R},4~{S})-4-(1,3-benzodioxol-5-yl)-1-[1-(benzotriazol-1-ylcarbonyl)piperidin-4-yl]-3-(3-fluorophenyl)azetidin-2-one
3 non-polymer 1,2-ETHANEDIOL
4 water water
#
_entity_poly.entity_id   1
_entity_poly.type   'polypeptide(L)'
_entity_poly.pdbx_seq_one_letter_code
;MGSSHHHHHHSSGENLYFQGMPEESSPRRTPQSIPYQDLPHLVNADGQYLFCRYWAPTGTPKALIFVSHGAGEHSGRYEE
LARMLMGLDLLVFAHDHVGHGQSEGERMVVSDFHVFVRDVLQHVDSMQKDYPGLPVFLLGHSMGGAIAILTAAERPGHFA
GMVLISPLVLANPESATTFKVLAAKVLNSVLPNLSSGPIDSSVLSRNKTEVDIYNSDPLICRAGLKVCFGIQLLNAVSRV
ERALPKLTVPFLLLQGSADRLCDSKGAYLLMELAKSQDKTLKIYEGAYHVLHKELPEVTNSVFHEINMWVSQRTATAGTA
SPP
;
_entity_poly.pdbx_strand_id   A
#
loop_
_chem_comp.id
_chem_comp.type
_chem_comp.name
_chem_comp.formula
EDO non-polymer 1,2-ETHANEDIOL 'C2 H6 O2'
EFH non-polymer (3~{R},4~{S})-4-(1,3-benzodioxol-5-yl)-1-[1-(benzotriazol-1-ylcarbonyl)piperidin-4-yl]-3-(3-fluorophenyl)azetidin-2-one 'C28 H24 F N5 O4'
#
# COMPACT_ATOMS: atom_id res chain seq x y z
N SER A 26 -30.33 -7.33 10.38
CA SER A 26 -29.98 -6.94 9.02
C SER A 26 -28.54 -7.34 8.71
N PRO A 27 -28.31 -7.98 7.53
CA PRO A 27 -26.93 -8.39 7.19
C PRO A 27 -26.02 -7.21 6.90
N ARG A 28 -24.78 -7.26 7.40
CA ARG A 28 -23.79 -6.22 7.15
C ARG A 28 -23.42 -6.30 5.68
N ARG A 29 -23.39 -5.16 5.00
CA ARG A 29 -23.12 -5.11 3.56
C ARG A 29 -22.00 -4.16 3.24
N THR A 30 -21.36 -4.35 2.08
CA THR A 30 -20.32 -3.45 1.62
C THR A 30 -20.99 -2.10 1.26
N PRO A 31 -20.22 -1.01 1.07
CA PRO A 31 -20.86 0.26 0.64
C PRO A 31 -21.58 0.13 -0.71
N GLN A 32 -21.33 -0.96 -1.46
CA GLN A 32 -21.97 -1.23 -2.74
C GLN A 32 -23.20 -2.17 -2.59
N SER A 33 -23.58 -2.54 -1.31
CA SER A 33 -24.74 -3.35 -0.91
CA SER A 33 -24.72 -3.34 -0.84
C SER A 33 -24.56 -4.87 -0.95
N ILE A 34 -23.32 -5.37 -1.15
CA ILE A 34 -23.12 -6.82 -1.22
C ILE A 34 -22.98 -7.35 0.20
N PRO A 35 -23.73 -8.40 0.60
CA PRO A 35 -23.57 -8.91 1.97
C PRO A 35 -22.15 -9.43 2.19
N TYR A 36 -21.52 -9.08 3.34
CA TYR A 36 -20.21 -9.62 3.65
C TYR A 36 -20.23 -11.13 3.81
N GLN A 37 -21.40 -11.74 4.16
CA GLN A 37 -21.45 -13.20 4.28
C GLN A 37 -21.13 -13.91 2.97
N ASP A 38 -21.26 -13.23 1.83
CA ASP A 38 -20.96 -13.83 0.53
C ASP A 38 -19.53 -13.52 0.03
N LEU A 39 -18.69 -12.90 0.85
CA LEU A 39 -17.37 -12.48 0.41
C LEU A 39 -16.32 -12.82 1.44
N PRO A 40 -15.06 -13.04 1.00
CA PRO A 40 -13.97 -13.21 1.97
C PRO A 40 -13.81 -11.89 2.73
N HIS A 41 -13.71 -11.94 4.06
CA HIS A 41 -13.66 -10.74 4.87
C HIS A 41 -13.01 -11.06 6.21
N LEU A 42 -12.76 -10.01 7.00
CA LEU A 42 -12.30 -10.12 8.37
C LEU A 42 -12.97 -8.98 9.14
N VAL A 43 -13.10 -9.11 10.46
CA VAL A 43 -13.65 -8.03 11.25
C VAL A 43 -12.51 -7.48 12.04
N ASN A 44 -12.27 -6.16 11.93
CA ASN A 44 -11.11 -5.59 12.61
C ASN A 44 -11.40 -5.34 14.12
N ALA A 45 -10.39 -4.86 14.86
CA ALA A 45 -10.49 -4.58 16.30
C ALA A 45 -11.62 -3.60 16.66
N ASP A 46 -12.06 -2.78 15.70
CA ASP A 46 -13.15 -1.83 15.91
C ASP A 46 -14.52 -2.38 15.49
N GLY A 47 -14.60 -3.66 15.11
CA GLY A 47 -15.86 -4.26 14.70
C GLY A 47 -16.26 -3.92 13.27
N GLN A 48 -15.32 -3.36 12.47
CA GLN A 48 -15.59 -3.02 11.07
C GLN A 48 -15.20 -4.17 10.16
N TYR A 49 -16.00 -4.45 9.14
CA TYR A 49 -15.71 -5.51 8.20
C TYR A 49 -14.79 -4.98 7.13
N LEU A 50 -13.73 -5.73 6.87
CA LEU A 50 -12.81 -5.39 5.78
C LEU A 50 -12.95 -6.45 4.72
N PHE A 51 -13.08 -6.06 3.45
CA PHE A 51 -13.13 -6.98 2.33
C PHE A 51 -11.73 -7.54 2.09
N CYS A 52 -11.60 -8.87 1.89
CA CYS A 52 -10.31 -9.53 1.68
C CYS A 52 -10.19 -10.16 0.30
N ARG A 53 -8.94 -10.29 -0.18
CA ARG A 53 -8.64 -11.00 -1.43
C ARG A 53 -7.48 -11.94 -1.23
N TYR A 54 -7.52 -13.09 -1.89
CA TYR A 54 -6.46 -14.10 -1.80
C TYR A 54 -6.12 -14.60 -3.19
N TRP A 55 -4.85 -14.86 -3.44
CA TRP A 55 -4.40 -15.46 -4.68
C TRP A 55 -3.46 -16.58 -4.22
N ALA A 56 -3.97 -17.80 -4.16
CA ALA A 56 -3.21 -18.91 -3.60
C ALA A 56 -2.65 -19.80 -4.68
N PRO A 57 -1.41 -20.27 -4.53
CA PRO A 57 -0.89 -21.23 -5.53
C PRO A 57 -1.51 -22.62 -5.31
N THR A 58 -1.46 -23.46 -6.36
CA THR A 58 -2.00 -24.83 -6.22
C THR A 58 -1.16 -25.65 -5.27
N GLY A 59 0.16 -25.49 -5.35
CA GLY A 59 1.07 -26.21 -4.46
C GLY A 59 1.21 -25.57 -3.09
N THR A 60 2.12 -26.11 -2.28
CA THR A 60 2.41 -25.56 -0.96
C THR A 60 3.18 -24.25 -1.18
N PRO A 61 2.72 -23.13 -0.59
CA PRO A 61 3.43 -21.86 -0.80
C PRO A 61 4.80 -21.84 -0.14
N LYS A 62 5.71 -21.10 -0.75
CA LYS A 62 7.08 -20.90 -0.26
C LYS A 62 7.14 -19.68 0.69
N ALA A 63 6.20 -18.73 0.53
CA ALA A 63 6.17 -17.50 1.31
C ALA A 63 4.77 -16.87 1.24
N LEU A 64 4.48 -15.90 2.12
CA LEU A 64 3.26 -15.14 2.11
C LEU A 64 3.61 -13.70 1.73
N ILE A 65 2.72 -13.01 1.02
CA ILE A 65 2.93 -11.60 0.74
C ILE A 65 1.63 -10.84 0.89
N PHE A 66 1.65 -9.77 1.69
CA PHE A 66 0.47 -8.93 1.87
C PHE A 66 0.64 -7.75 0.93
N VAL A 67 -0.38 -7.43 0.18
CA VAL A 67 -0.45 -6.28 -0.69
C VAL A 67 -1.23 -5.15 -0.04
N SER A 68 -0.57 -4.00 0.10
CA SER A 68 -1.09 -2.82 0.80
C SER A 68 -1.32 -1.69 -0.21
N HIS A 69 -2.60 -1.42 -0.54
CA HIS A 69 -2.98 -0.43 -1.55
C HIS A 69 -2.82 1.03 -1.02
N GLY A 70 -2.91 2.00 -1.93
CA GLY A 70 -2.74 3.41 -1.61
C GLY A 70 -4.03 4.13 -1.31
N ALA A 71 -3.93 5.42 -1.04
CA ALA A 71 -5.09 6.23 -0.69
C ALA A 71 -6.08 6.31 -1.83
N GLY A 72 -7.33 6.14 -1.53
CA GLY A 72 -8.39 6.25 -2.52
C GLY A 72 -8.59 5.05 -3.41
N GLU A 73 -7.66 4.10 -3.43
CA GLU A 73 -7.82 2.93 -4.31
C GLU A 73 -8.26 1.71 -3.49
N HIS A 74 -8.01 0.47 -3.97
CA HIS A 74 -8.51 -0.74 -3.31
C HIS A 74 -7.65 -1.93 -3.79
N SER A 75 -7.79 -3.11 -3.16
CA SER A 75 -7.01 -4.31 -3.44
C SER A 75 -7.18 -4.92 -4.82
N GLY A 76 -8.31 -4.66 -5.48
CA GLY A 76 -8.53 -5.21 -6.81
C GLY A 76 -7.61 -4.65 -7.88
N ARG A 77 -7.03 -3.47 -7.65
CA ARG A 77 -6.07 -2.86 -8.58
C ARG A 77 -4.79 -3.72 -8.75
N TYR A 78 -4.53 -4.66 -7.82
CA TYR A 78 -3.32 -5.46 -7.81
C TYR A 78 -3.50 -6.85 -8.41
N GLU A 79 -4.65 -7.12 -9.08
CA GLU A 79 -4.95 -8.41 -9.68
C GLU A 79 -3.77 -9.03 -10.47
N GLU A 80 -3.22 -8.32 -11.45
CA GLU A 80 -2.17 -8.86 -12.30
C GLU A 80 -0.85 -9.04 -11.56
N LEU A 81 -0.50 -8.11 -10.71
CA LEU A 81 0.71 -8.21 -9.90
C LEU A 81 0.62 -9.41 -8.96
N ALA A 82 -0.55 -9.60 -8.29
CA ALA A 82 -0.78 -10.72 -7.39
C ALA A 82 -0.76 -12.05 -8.15
N ARG A 83 -1.30 -12.07 -9.38
CA ARG A 83 -1.26 -13.29 -10.19
C ARG A 83 0.20 -13.65 -10.57
N MET A 84 1.04 -12.63 -10.85
CA MET A 84 2.46 -12.86 -11.13
C MET A 84 3.12 -13.47 -9.87
N LEU A 85 2.86 -12.90 -8.68
CA LEU A 85 3.45 -13.38 -7.41
C LEU A 85 2.98 -14.79 -7.05
N MET A 86 1.70 -15.08 -7.30
CA MET A 86 1.15 -16.40 -7.04
CA MET A 86 1.11 -16.39 -7.06
C MET A 86 1.84 -17.45 -7.93
N GLY A 87 2.19 -17.08 -9.16
CA GLY A 87 2.92 -17.93 -10.10
C GLY A 87 4.33 -18.29 -9.64
N LEU A 88 4.90 -17.52 -8.69
CA LEU A 88 6.20 -17.82 -8.07
C LEU A 88 6.02 -18.67 -6.79
N ASP A 89 4.83 -19.28 -6.58
CA ASP A 89 4.50 -20.09 -5.41
C ASP A 89 4.38 -19.29 -4.11
N LEU A 90 3.98 -18.01 -4.19
CA LEU A 90 3.71 -17.22 -2.99
C LEU A 90 2.20 -17.15 -2.80
N LEU A 91 1.75 -17.19 -1.56
CA LEU A 91 0.32 -17.02 -1.26
C LEU A 91 0.17 -15.49 -1.05
N VAL A 92 -0.54 -14.83 -1.95
CA VAL A 92 -0.74 -13.39 -1.87
C VAL A 92 -2.07 -13.13 -1.19
N PHE A 93 -2.12 -12.11 -0.33
CA PHE A 93 -3.35 -11.76 0.35
C PHE A 93 -3.39 -10.25 0.51
N ALA A 94 -4.59 -9.72 0.66
CA ALA A 94 -4.79 -8.28 0.76
C ALA A 94 -6.16 -8.03 1.40
N HIS A 95 -6.38 -6.79 1.82
CA HIS A 95 -7.66 -6.32 2.20
C HIS A 95 -7.78 -4.85 1.80
N ASP A 96 -9.01 -4.39 1.65
CA ASP A 96 -9.26 -2.99 1.42
C ASP A 96 -9.14 -2.33 2.76
N HIS A 97 -8.28 -1.31 2.86
CA HIS A 97 -8.12 -0.59 4.13
C HIS A 97 -9.47 0.04 4.54
N VAL A 98 -9.65 0.28 5.85
CA VAL A 98 -10.89 0.91 6.32
CA VAL A 98 -10.85 0.97 6.39
C VAL A 98 -11.16 2.23 5.56
N GLY A 99 -12.43 2.44 5.22
CA GLY A 99 -12.83 3.59 4.43
C GLY A 99 -12.49 3.51 2.96
N HIS A 100 -12.07 2.30 2.49
CA HIS A 100 -11.71 2.12 1.08
C HIS A 100 -12.41 0.95 0.45
N GLY A 101 -12.60 1.02 -0.87
CA GLY A 101 -13.13 -0.07 -1.68
C GLY A 101 -14.39 -0.71 -1.14
N GLN A 102 -14.33 -2.01 -0.90
CA GLN A 102 -15.46 -2.77 -0.42
C GLN A 102 -15.50 -2.91 1.12
N SER A 103 -14.55 -2.32 1.83
CA SER A 103 -14.54 -2.36 3.30
C SER A 103 -15.47 -1.30 3.87
N GLU A 104 -15.85 -1.47 5.14
CA GLU A 104 -16.73 -0.51 5.81
C GLU A 104 -15.93 0.75 6.21
N GLY A 105 -16.66 1.72 6.74
CA GLY A 105 -16.12 2.96 7.24
C GLY A 105 -16.51 4.12 6.36
N GLU A 106 -16.55 5.33 6.94
CA GLU A 106 -16.80 6.55 6.16
C GLU A 106 -15.63 6.67 5.16
N ARG A 107 -15.95 7.03 3.90
CA ARG A 107 -14.93 7.08 2.85
C ARG A 107 -13.74 7.95 3.18
N MET A 108 -12.56 7.35 3.07
CA MET A 108 -11.30 8.01 3.26
C MET A 108 -11.22 8.84 4.55
N VAL A 109 -11.57 8.20 5.66
N VAL A 109 -11.56 8.17 5.65
CA VAL A 109 -11.39 8.74 6.99
CA VAL A 109 -11.56 8.66 7.02
C VAL A 109 -10.81 7.61 7.82
C VAL A 109 -10.88 7.58 7.87
N VAL A 110 -10.03 7.98 8.82
CA VAL A 110 -9.42 7.00 9.72
C VAL A 110 -9.24 7.67 11.08
N SER A 111 -9.71 7.02 12.16
CA SER A 111 -9.62 7.62 13.50
C SER A 111 -8.18 8.00 13.87
N ASP A 112 -7.22 7.14 13.48
CA ASP A 112 -5.78 7.39 13.60
C ASP A 112 -5.11 6.50 12.57
N PHE A 113 -4.03 6.98 11.93
CA PHE A 113 -3.32 6.22 10.89
C PHE A 113 -2.92 4.82 11.35
N HIS A 114 -2.62 4.66 12.67
CA HIS A 114 -2.23 3.35 13.20
C HIS A 114 -3.31 2.27 13.02
N VAL A 115 -4.59 2.63 12.80
CA VAL A 115 -5.63 1.63 12.50
C VAL A 115 -5.22 0.78 11.26
N PHE A 116 -4.67 1.43 10.24
CA PHE A 116 -4.28 0.70 9.03
C PHE A 116 -3.18 -0.33 9.34
N VAL A 117 -2.20 0.05 10.18
CA VAL A 117 -1.09 -0.84 10.54
C VAL A 117 -1.59 -2.00 11.39
N ARG A 118 -2.42 -1.67 12.37
CA ARG A 118 -3.05 -2.65 13.28
C ARG A 118 -3.81 -3.72 12.50
N ASP A 119 -4.58 -3.27 11.47
CA ASP A 119 -5.37 -4.16 10.65
C ASP A 119 -4.50 -5.03 9.74
N VAL A 120 -3.40 -4.49 9.18
CA VAL A 120 -2.49 -5.32 8.39
C VAL A 120 -1.92 -6.42 9.32
N LEU A 121 -1.53 -6.03 10.54
CA LEU A 121 -0.95 -7.00 11.47
C LEU A 121 -1.97 -8.07 11.87
N GLN A 122 -3.26 -7.73 11.98
CA GLN A 122 -4.29 -8.71 12.28
C GLN A 122 -4.33 -9.74 11.16
N HIS A 123 -4.37 -9.25 9.90
CA HIS A 123 -4.45 -10.14 8.77
C HIS A 123 -3.20 -11.02 8.65
N VAL A 124 -2.04 -10.40 8.85
CA VAL A 124 -0.75 -11.09 8.78
C VAL A 124 -0.71 -12.17 9.86
N ASP A 125 -1.09 -11.85 11.10
CA ASP A 125 -1.10 -12.83 12.18
C ASP A 125 -2.04 -14.00 11.88
N SER A 126 -3.21 -13.74 11.25
CA SER A 126 -4.14 -14.83 10.92
C SER A 126 -3.53 -15.74 9.87
N MET A 127 -2.85 -15.16 8.87
CA MET A 127 -2.25 -15.97 7.83
C MET A 127 -1.10 -16.76 8.38
N GLN A 128 -0.28 -16.17 9.27
CA GLN A 128 0.86 -16.90 9.87
C GLN A 128 0.40 -18.06 10.78
N LYS A 129 -0.80 -17.95 11.33
CA LYS A 129 -1.35 -19.01 12.18
C LYS A 129 -1.64 -20.24 11.28
N ASP A 130 -2.20 -20.00 10.08
CA ASP A 130 -2.55 -21.04 9.12
C ASP A 130 -1.38 -21.55 8.30
N TYR A 131 -0.32 -20.75 8.14
CA TYR A 131 0.85 -21.14 7.34
C TYR A 131 2.10 -20.88 8.14
N PRO A 132 2.30 -21.62 9.24
CA PRO A 132 3.47 -21.37 10.09
C PRO A 132 4.79 -21.68 9.40
N GLY A 133 5.81 -20.96 9.83
CA GLY A 133 7.17 -21.14 9.33
C GLY A 133 7.48 -20.52 7.99
N LEU A 134 6.49 -19.90 7.33
CA LEU A 134 6.75 -19.29 6.02
C LEU A 134 7.19 -17.84 6.21
N PRO A 135 8.20 -17.40 5.44
CA PRO A 135 8.55 -15.97 5.48
C PRO A 135 7.37 -15.11 4.97
N VAL A 136 7.26 -13.88 5.50
CA VAL A 136 6.20 -12.98 5.09
CA VAL A 136 6.20 -12.95 5.13
C VAL A 136 6.77 -11.66 4.56
N PHE A 137 6.31 -11.25 3.38
CA PHE A 137 6.68 -10.04 2.71
C PHE A 137 5.52 -9.04 2.71
N LEU A 138 5.84 -7.75 2.55
CA LEU A 138 4.88 -6.66 2.40
C LEU A 138 5.13 -6.01 1.07
N LEU A 139 4.10 -5.61 0.38
CA LEU A 139 4.25 -4.87 -0.88
C LEU A 139 3.28 -3.71 -0.75
N GLY A 140 3.78 -2.49 -0.83
CA GLY A 140 2.90 -1.33 -0.65
C GLY A 140 3.15 -0.26 -1.71
N HIS A 141 2.09 0.44 -2.11
CA HIS A 141 2.19 1.57 -3.05
C HIS A 141 1.66 2.86 -2.38
N SER A 142 2.40 3.98 -2.48
CA SER A 142 1.98 5.31 -1.97
C SER A 142 1.65 5.25 -0.45
N MET A 143 0.42 5.55 0.02
CA MET A 143 0.03 5.42 1.44
C MET A 143 0.23 3.97 1.90
N GLY A 144 0.01 3.02 0.99
CA GLY A 144 0.21 1.61 1.29
C GLY A 144 1.64 1.27 1.64
N GLY A 145 2.58 2.02 1.07
CA GLY A 145 4.01 1.91 1.31
C GLY A 145 4.33 2.47 2.68
N ALA A 146 3.71 3.62 3.07
CA ALA A 146 3.89 4.17 4.43
C ALA A 146 3.38 3.17 5.46
N ILE A 147 2.20 2.55 5.19
CA ILE A 147 1.62 1.50 6.07
C ILE A 147 2.59 0.32 6.15
N ALA A 148 3.16 -0.13 5.00
CA ALA A 148 4.17 -1.20 5.02
C ALA A 148 5.42 -0.85 5.85
N ILE A 149 5.98 0.37 5.70
CA ILE A 149 7.15 0.81 6.49
C ILE A 149 6.81 0.77 7.97
N LEU A 150 5.63 1.34 8.36
CA LEU A 150 5.26 1.38 9.78
C LEU A 150 4.96 0.01 10.35
N THR A 151 4.44 -0.89 9.53
CA THR A 151 4.19 -2.28 9.91
C THR A 151 5.50 -3.01 10.20
N ALA A 152 6.49 -2.90 9.27
CA ALA A 152 7.79 -3.55 9.50
C ALA A 152 8.54 -2.89 10.66
N ALA A 153 8.39 -1.57 10.88
CA ALA A 153 9.08 -0.90 11.98
C ALA A 153 8.52 -1.33 13.32
N GLU A 154 7.21 -1.60 13.40
CA GLU A 154 6.56 -2.05 14.62
C GLU A 154 7.05 -3.44 15.06
N ARG A 155 7.44 -4.28 14.10
CA ARG A 155 7.92 -5.63 14.39
C ARG A 155 9.26 -5.89 13.73
N PRO A 156 10.35 -5.32 14.28
CA PRO A 156 11.66 -5.53 13.66
C PRO A 156 12.03 -7.00 13.62
N GLY A 157 12.53 -7.44 12.46
CA GLY A 157 12.94 -8.81 12.19
C GLY A 157 11.84 -9.78 11.83
N HIS A 158 10.57 -9.33 11.86
CA HIS A 158 9.41 -10.18 11.61
C HIS A 158 9.17 -10.43 10.13
N PHE A 159 9.44 -9.42 9.29
CA PHE A 159 9.20 -9.56 7.86
C PHE A 159 10.48 -9.87 7.08
N ALA A 160 10.35 -10.70 6.04
CA ALA A 160 11.48 -11.10 5.21
C ALA A 160 11.89 -10.02 4.20
N GLY A 161 10.97 -9.13 3.84
CA GLY A 161 11.24 -8.07 2.88
C GLY A 161 10.02 -7.21 2.62
N MET A 162 10.26 -6.08 1.98
CA MET A 162 9.22 -5.12 1.65
CA MET A 162 9.22 -5.10 1.61
C MET A 162 9.49 -4.61 0.23
N VAL A 163 8.47 -4.47 -0.57
CA VAL A 163 8.56 -3.93 -1.92
C VAL A 163 7.75 -2.64 -1.86
N LEU A 164 8.38 -1.50 -2.13
CA LEU A 164 7.69 -0.22 -2.06
C LEU A 164 7.64 0.37 -3.42
N ILE A 165 6.46 0.76 -3.86
CA ILE A 165 6.30 1.40 -5.17
C ILE A 165 5.85 2.85 -4.85
N SER A 166 6.70 3.85 -5.13
CA SER A 166 6.44 5.28 -4.84
CA SER A 166 6.40 5.27 -4.88
C SER A 166 5.76 5.48 -3.48
N PRO A 167 6.44 5.06 -2.40
CA PRO A 167 5.84 5.20 -1.06
C PRO A 167 5.66 6.63 -0.64
N LEU A 168 4.65 6.87 0.22
CA LEU A 168 4.40 8.19 0.78
C LEU A 168 5.34 8.36 1.97
N VAL A 169 6.36 9.20 1.84
CA VAL A 169 7.33 9.41 2.91
C VAL A 169 7.61 10.91 3.16
N LEU A 170 7.09 11.81 2.32
CA LEU A 170 7.37 13.24 2.42
C LEU A 170 6.08 14.04 2.47
N ALA A 171 6.11 15.18 3.13
CA ALA A 171 4.98 16.08 3.16
C ALA A 171 5.49 17.50 2.95
N ASN A 172 4.89 18.27 2.03
CA ASN A 172 5.32 19.65 1.79
C ASN A 172 5.15 20.47 3.08
N PRO A 173 6.16 21.24 3.52
CA PRO A 173 5.97 22.05 4.74
C PRO A 173 4.87 23.11 4.59
N GLU A 174 4.53 23.50 3.35
CA GLU A 174 3.46 24.45 3.07
C GLU A 174 2.11 23.76 3.29
N SER A 175 1.95 22.53 2.77
CA SER A 175 0.72 21.78 2.95
C SER A 175 0.55 21.35 4.42
N ALA A 176 1.66 21.04 5.12
CA ALA A 176 1.60 20.65 6.52
C ALA A 176 1.01 21.76 7.41
N THR A 177 1.60 22.98 7.43
CA THR A 177 1.09 24.11 8.23
C THR A 177 -0.34 24.50 7.83
N THR A 178 -0.68 24.34 6.54
CA THR A 178 -2.01 24.64 6.00
C THR A 178 -3.06 23.70 6.58
N PHE A 179 -2.81 22.37 6.52
CA PHE A 179 -3.71 21.38 7.06
C PHE A 179 -3.92 21.56 8.56
N LYS A 180 -2.85 21.93 9.30
CA LYS A 180 -2.96 22.15 10.74
C LYS A 180 -3.88 23.33 11.08
N VAL A 181 -3.81 24.42 10.29
CA VAL A 181 -4.67 25.59 10.50
C VAL A 181 -6.12 25.26 10.13
N LEU A 182 -6.33 24.50 9.03
CA LEU A 182 -7.67 24.09 8.61
C LEU A 182 -8.33 23.15 9.63
N ALA A 183 -7.52 22.30 10.30
CA ALA A 183 -8.00 21.40 11.35
C ALA A 183 -8.43 22.22 12.58
N ALA A 184 -7.69 23.29 12.90
CA ALA A 184 -8.05 24.17 14.01
C ALA A 184 -9.35 24.97 13.74
N LYS A 185 -9.83 25.03 12.48
CA LYS A 185 -11.06 25.73 12.13
C LYS A 185 -12.29 24.83 12.19
N VAL A 186 -12.12 23.53 11.89
CA VAL A 186 -13.24 22.59 11.91
C VAL A 186 -12.98 21.45 12.89
N GLY A 197 -10.12 19.23 -3.19
CA GLY A 197 -9.99 19.19 -4.64
C GLY A 197 -9.32 17.95 -5.19
N PRO A 198 -10.01 17.22 -6.08
CA PRO A 198 -9.45 15.96 -6.63
C PRO A 198 -8.14 16.07 -7.40
N ILE A 199 -7.37 14.96 -7.41
CA ILE A 199 -6.10 14.84 -8.14
C ILE A 199 -6.37 14.86 -9.65
N ASP A 200 -5.43 15.42 -10.43
CA ASP A 200 -5.54 15.42 -11.88
C ASP A 200 -5.07 14.01 -12.24
N SER A 201 -6.00 13.13 -12.63
CA SER A 201 -5.67 11.74 -12.96
CA SER A 201 -5.66 11.75 -12.96
C SER A 201 -4.53 11.57 -13.96
N SER A 202 -4.31 12.57 -14.85
CA SER A 202 -3.24 12.47 -15.83
C SER A 202 -1.84 12.44 -15.19
N VAL A 203 -1.69 12.86 -13.91
CA VAL A 203 -0.37 12.77 -13.25
C VAL A 203 -0.10 11.37 -12.69
N LEU A 204 -1.09 10.47 -12.68
CA LEU A 204 -0.92 9.15 -12.13
C LEU A 204 -0.05 8.28 -13.02
N SER A 205 -0.21 8.43 -14.34
CA SER A 205 0.51 7.56 -15.26
C SER A 205 0.50 8.16 -16.64
N ARG A 206 1.58 7.91 -17.39
CA ARG A 206 1.62 8.29 -18.80
C ARG A 206 0.75 7.35 -19.65
N ASN A 207 0.34 6.18 -19.13
CA ASN A 207 -0.48 5.24 -19.88
C ASN A 207 -1.93 5.72 -19.84
N LYS A 208 -2.40 6.31 -20.95
CA LYS A 208 -3.74 6.88 -21.03
C LYS A 208 -4.85 5.86 -20.84
N THR A 209 -4.64 4.59 -21.27
CA THR A 209 -5.68 3.57 -21.07
C THR A 209 -5.80 3.28 -19.57
N GLU A 210 -4.67 3.24 -18.86
CA GLU A 210 -4.70 3.04 -17.41
C GLU A 210 -5.34 4.22 -16.69
N VAL A 211 -5.16 5.45 -17.18
CA VAL A 211 -5.86 6.61 -16.57
C VAL A 211 -7.38 6.44 -16.79
N ASP A 212 -7.79 5.99 -18.00
CA ASP A 212 -9.21 5.74 -18.28
C ASP A 212 -9.82 4.67 -17.38
N ILE A 213 -9.06 3.61 -17.11
CA ILE A 213 -9.52 2.52 -16.22
C ILE A 213 -9.72 3.08 -14.81
N TYR A 214 -8.74 3.84 -14.35
CA TYR A 214 -8.78 4.44 -13.02
C TYR A 214 -9.99 5.34 -12.85
N ASN A 215 -10.27 6.20 -13.84
CA ASN A 215 -11.39 7.14 -13.81
C ASN A 215 -12.76 6.48 -13.87
N SER A 216 -12.82 5.19 -14.26
CA SER A 216 -14.12 4.54 -14.34
C SER A 216 -14.30 3.36 -13.36
N ASP A 217 -13.36 3.17 -12.43
CA ASP A 217 -13.48 2.10 -11.42
C ASP A 217 -14.37 2.65 -10.27
N PRO A 218 -15.55 2.05 -10.04
CA PRO A 218 -16.44 2.57 -8.99
C PRO A 218 -15.91 2.37 -7.58
N LEU A 219 -14.92 1.50 -7.39
CA LEU A 219 -14.36 1.27 -6.05
C LEU A 219 -13.23 2.27 -5.68
N ILE A 220 -12.85 3.16 -6.61
CA ILE A 220 -11.84 4.16 -6.34
C ILE A 220 -12.53 5.45 -5.85
N CYS A 221 -12.01 6.09 -4.81
CA CYS A 221 -12.53 7.37 -4.35
C CYS A 221 -11.64 8.42 -4.98
N ARG A 222 -12.19 9.19 -5.90
CA ARG A 222 -11.42 10.25 -6.56
C ARG A 222 -11.72 11.64 -5.97
N ALA A 223 -12.49 11.72 -4.87
CA ALA A 223 -12.85 12.98 -4.22
C ALA A 223 -11.59 13.70 -3.66
N GLY A 224 -11.74 14.99 -3.30
CA GLY A 224 -10.65 15.72 -2.68
C GLY A 224 -10.35 15.16 -1.30
N LEU A 225 -9.21 15.53 -0.75
CA LEU A 225 -8.78 15.06 0.56
C LEU A 225 -9.56 15.74 1.69
N LYS A 226 -10.13 14.97 2.63
CA LYS A 226 -10.79 15.53 3.79
C LYS A 226 -9.70 16.06 4.75
N VAL A 227 -9.99 17.14 5.51
CA VAL A 227 -8.98 17.72 6.39
C VAL A 227 -8.46 16.73 7.42
N CYS A 228 -9.37 15.99 8.06
CA CYS A 228 -9.02 14.99 9.06
CA CYS A 228 -9.00 15.01 9.07
C CYS A 228 -8.10 13.91 8.47
N PHE A 229 -8.37 13.48 7.22
CA PHE A 229 -7.53 12.46 6.59
C PHE A 229 -6.16 13.01 6.22
N GLY A 230 -6.11 14.29 5.83
CA GLY A 230 -4.86 14.98 5.53
C GLY A 230 -3.98 15.03 6.76
N ILE A 231 -4.58 15.28 7.94
CA ILE A 231 -3.87 15.28 9.22
C ILE A 231 -3.29 13.89 9.50
N GLN A 232 -4.03 12.82 9.18
CA GLN A 232 -3.55 11.45 9.37
C GLN A 232 -2.42 11.06 8.42
N LEU A 233 -2.44 11.57 7.17
CA LEU A 233 -1.33 11.39 6.25
C LEU A 233 -0.09 12.13 6.76
N LEU A 234 -0.27 13.32 7.38
CA LEU A 234 0.86 14.05 7.98
C LEU A 234 1.40 13.26 9.17
N ASN A 235 0.51 12.63 9.96
CA ASN A 235 0.93 11.77 11.08
C ASN A 235 1.76 10.60 10.53
N ALA A 236 1.33 10.00 9.40
CA ALA A 236 2.06 8.89 8.79
C ALA A 236 3.43 9.32 8.38
N VAL A 237 3.58 10.49 7.75
CA VAL A 237 4.88 10.97 7.28
C VAL A 237 5.82 11.20 8.49
N SER A 238 5.28 11.78 9.58
CA SER A 238 6.05 12.03 10.78
CA SER A 238 6.06 12.03 10.79
C SER A 238 6.52 10.72 11.40
N ARG A 239 5.61 9.74 11.46
CA ARG A 239 5.92 8.44 12.02
C ARG A 239 6.94 7.70 11.15
N VAL A 240 6.83 7.79 9.83
CA VAL A 240 7.82 7.16 8.93
C VAL A 240 9.22 7.75 9.21
N GLU A 241 9.33 9.08 9.33
CA GLU A 241 10.60 9.77 9.62
C GLU A 241 11.24 9.21 10.88
N ARG A 242 10.45 9.06 11.94
CA ARG A 242 10.94 8.54 13.22
C ARG A 242 11.26 7.05 13.20
N ALA A 243 10.62 6.30 12.30
CA ALA A 243 10.84 4.87 12.18
C ALA A 243 12.10 4.49 11.45
N LEU A 244 12.56 5.34 10.53
CA LEU A 244 13.71 4.98 9.68
C LEU A 244 14.96 4.54 10.43
N PRO A 245 15.36 5.14 11.58
CA PRO A 245 16.50 4.57 12.33
C PRO A 245 16.30 3.12 12.82
N LYS A 246 15.06 2.64 12.97
CA LYS A 246 14.79 1.26 13.39
C LYS A 246 14.35 0.36 12.22
N LEU A 247 14.34 0.87 10.98
CA LEU A 247 13.86 0.09 9.86
C LEU A 247 15.05 -0.69 9.32
N THR A 248 15.03 -2.00 9.53
CA THR A 248 16.10 -2.91 9.12
C THR A 248 15.64 -3.99 8.13
N VAL A 249 14.34 -4.03 7.78
CA VAL A 249 13.83 -5.00 6.86
C VAL A 249 14.45 -4.78 5.46
N PRO A 250 14.75 -5.87 4.75
CA PRO A 250 15.22 -5.74 3.36
C PRO A 250 14.13 -5.09 2.50
N PHE A 251 14.52 -4.24 1.56
CA PHE A 251 13.52 -3.61 0.72
C PHE A 251 14.00 -3.29 -0.64
N LEU A 252 13.04 -3.28 -1.55
CA LEU A 252 13.21 -2.88 -2.94
C LEU A 252 12.33 -1.66 -3.09
N LEU A 253 12.91 -0.57 -3.59
CA LEU A 253 12.18 0.68 -3.71
C LEU A 253 12.14 1.08 -5.18
N LEU A 254 10.95 1.23 -5.73
CA LEU A 254 10.75 1.58 -7.13
C LEU A 254 10.15 2.96 -7.15
N GLN A 255 10.75 3.89 -7.94
CA GLN A 255 10.30 5.28 -7.94
C GLN A 255 10.43 5.90 -9.32
N GLY A 256 9.41 6.65 -9.76
CA GLY A 256 9.48 7.35 -11.02
C GLY A 256 10.11 8.72 -10.82
N SER A 257 10.91 9.16 -11.77
CA SER A 257 11.58 10.45 -11.63
C SER A 257 10.63 11.62 -11.80
N ALA A 258 9.47 11.42 -12.47
CA ALA A 258 8.56 12.52 -12.75
C ALA A 258 7.24 12.36 -11.96
N ASP A 259 7.34 11.81 -10.77
CA ASP A 259 6.21 11.58 -9.89
C ASP A 259 5.83 12.90 -9.22
N ARG A 260 4.64 13.39 -9.52
CA ARG A 260 4.15 14.64 -8.94
C ARG A 260 3.42 14.46 -7.60
N LEU A 261 3.18 13.22 -7.19
CA LEU A 261 2.46 12.96 -5.95
C LEU A 261 3.42 12.63 -4.81
N CYS A 262 4.42 11.83 -5.08
CA CYS A 262 5.43 11.44 -4.11
C CYS A 262 6.74 11.80 -4.76
N ASP A 263 7.26 12.96 -4.41
CA ASP A 263 8.48 13.48 -5.03
C ASP A 263 9.65 12.50 -4.90
N SER A 264 10.41 12.32 -6.00
CA SER A 264 11.53 11.40 -6.05
C SER A 264 12.55 11.65 -4.95
N LYS A 265 12.62 12.90 -4.41
CA LYS A 265 13.52 13.26 -3.31
C LYS A 265 13.30 12.35 -2.08
N GLY A 266 12.05 11.98 -1.82
CA GLY A 266 11.73 11.09 -0.72
C GLY A 266 12.31 9.71 -0.92
N ALA A 267 12.36 9.19 -2.16
CA ALA A 267 12.94 7.85 -2.39
C ALA A 267 14.45 7.89 -2.09
N TYR A 268 15.14 8.94 -2.54
CA TYR A 268 16.57 9.07 -2.24
C TYR A 268 16.83 9.18 -0.72
N LEU A 269 15.99 9.96 0.02
CA LEU A 269 16.11 10.09 1.47
C LEU A 269 15.81 8.79 2.18
N LEU A 270 14.82 8.03 1.69
CA LEU A 270 14.49 6.74 2.28
C LEU A 270 15.68 5.78 2.12
N MET A 271 16.33 5.76 0.92
CA MET A 271 17.55 4.96 0.74
C MET A 271 18.65 5.34 1.68
N GLU A 272 18.80 6.65 1.96
CA GLU A 272 19.87 7.10 2.82
C GLU A 272 19.60 6.86 4.31
N LEU A 273 18.37 7.12 4.73
CA LEU A 273 18.02 7.12 6.14
C LEU A 273 17.62 5.75 6.73
N ALA A 274 17.10 4.82 5.91
CA ALA A 274 16.75 3.49 6.42
C ALA A 274 18.00 2.74 6.88
N LYS A 275 17.93 2.06 8.02
CA LYS A 275 19.10 1.33 8.51
C LYS A 275 19.30 -0.06 7.88
N SER A 276 18.37 -0.48 7.01
CA SER A 276 18.40 -1.78 6.34
CA SER A 276 18.40 -1.77 6.34
C SER A 276 19.74 -2.09 5.69
N GLN A 277 20.24 -3.30 5.95
CA GLN A 277 21.49 -3.81 5.33
C GLN A 277 21.24 -4.27 3.86
N ASP A 278 19.99 -4.51 3.47
CA ASP A 278 19.66 -4.96 2.13
C ASP A 278 18.64 -3.99 1.53
N LYS A 279 19.13 -2.96 0.80
CA LYS A 279 18.24 -1.96 0.24
C LYS A 279 18.67 -1.63 -1.18
N THR A 280 17.69 -1.55 -2.06
CA THR A 280 17.97 -1.33 -3.48
C THR A 280 16.94 -0.31 -3.98
N LEU A 281 17.37 0.60 -4.84
CA LEU A 281 16.52 1.60 -5.45
C LEU A 281 16.60 1.48 -6.95
N LYS A 282 15.47 1.54 -7.60
CA LYS A 282 15.43 1.59 -9.05
C LYS A 282 14.62 2.80 -9.41
N ILE A 283 15.19 3.68 -10.26
CA ILE A 283 14.53 4.90 -10.71
C ILE A 283 14.10 4.68 -12.14
N TYR A 284 12.84 5.00 -12.41
CA TYR A 284 12.27 4.92 -13.75
C TYR A 284 12.23 6.36 -14.30
N GLU A 285 13.14 6.63 -15.25
CA GLU A 285 13.33 7.94 -15.82
C GLU A 285 12.13 8.39 -16.64
N GLY A 286 11.49 9.48 -16.23
CA GLY A 286 10.34 10.04 -16.92
C GLY A 286 9.01 9.47 -16.46
N ALA A 287 9.03 8.39 -15.64
CA ALA A 287 7.79 7.76 -15.19
C ALA A 287 7.03 8.56 -14.15
N TYR A 288 5.72 8.34 -14.11
CA TYR A 288 4.85 9.03 -13.19
C TYR A 288 4.69 8.21 -11.89
N HIS A 289 3.56 8.31 -11.22
CA HIS A 289 3.36 7.73 -9.90
C HIS A 289 3.04 6.21 -9.86
N VAL A 290 2.08 5.76 -10.66
CA VAL A 290 1.61 4.38 -10.58
C VAL A 290 2.45 3.49 -11.47
N LEU A 291 3.62 3.11 -10.96
CA LEU A 291 4.60 2.40 -11.78
C LEU A 291 4.15 1.05 -12.30
N HIS A 292 3.32 0.34 -11.54
CA HIS A 292 2.76 -0.96 -11.91
C HIS A 292 1.59 -0.82 -12.97
N LYS A 293 1.23 0.42 -13.33
CA LYS A 293 0.19 0.75 -14.33
C LYS A 293 0.68 1.90 -15.26
N GLU A 294 1.97 1.87 -15.58
CA GLU A 294 2.62 2.89 -16.37
C GLU A 294 2.70 2.46 -17.86
N LEU A 295 3.58 3.07 -18.68
CA LEU A 295 3.79 2.64 -20.06
C LEU A 295 4.26 1.18 -20.05
N PRO A 296 3.83 0.39 -21.03
CA PRO A 296 4.17 -1.05 -21.02
C PRO A 296 5.62 -1.40 -20.71
N GLU A 297 6.61 -0.66 -21.24
CA GLU A 297 8.02 -0.93 -20.97
C GLU A 297 8.35 -0.76 -19.48
N VAL A 298 7.69 0.21 -18.81
CA VAL A 298 7.92 0.42 -17.38
C VAL A 298 7.24 -0.68 -16.58
N THR A 299 5.96 -0.92 -16.82
CA THR A 299 5.20 -1.96 -16.11
C THR A 299 5.83 -3.34 -16.24
N ASN A 300 6.30 -3.70 -17.44
CA ASN A 300 6.95 -5.01 -17.65
C ASN A 300 8.22 -5.10 -16.81
N SER A 301 9.05 -4.03 -16.77
CA SER A 301 10.26 -3.99 -15.94
C SER A 301 9.88 -4.07 -14.44
N VAL A 302 8.89 -3.30 -13.98
CA VAL A 302 8.47 -3.35 -12.57
C VAL A 302 8.09 -4.78 -12.15
N PHE A 303 7.26 -5.45 -12.96
CA PHE A 303 6.85 -6.85 -12.69
C PHE A 303 8.08 -7.76 -12.65
N HIS A 304 8.96 -7.62 -13.63
CA HIS A 304 10.18 -8.42 -13.69
C HIS A 304 11.09 -8.22 -12.49
N GLU A 305 11.35 -6.95 -12.09
CA GLU A 305 12.23 -6.63 -10.94
C GLU A 305 11.65 -7.10 -9.62
N ILE A 306 10.32 -7.01 -9.45
CA ILE A 306 9.70 -7.52 -8.22
C ILE A 306 9.84 -9.06 -8.22
N ASN A 307 9.61 -9.70 -9.39
CA ASN A 307 9.75 -11.15 -9.51
C ASN A 307 11.19 -11.58 -9.10
N MET A 308 12.23 -10.96 -9.66
CA MET A 308 13.62 -11.28 -9.35
C MET A 308 13.94 -11.06 -7.88
N TRP A 309 13.55 -9.90 -7.33
CA TRP A 309 13.85 -9.57 -5.96
C TRP A 309 13.20 -10.54 -4.98
N VAL A 310 11.89 -10.82 -5.16
CA VAL A 310 11.21 -11.75 -4.28
C VAL A 310 11.71 -13.20 -4.50
N SER A 311 12.01 -13.58 -5.74
CA SER A 311 12.52 -14.93 -6.07
C SER A 311 13.87 -15.19 -5.39
N GLN A 312 14.76 -14.18 -5.36
CA GLN A 312 16.07 -14.30 -4.74
C GLN A 312 15.97 -14.44 -3.21
N ARG A 313 14.94 -13.86 -2.59
CA ARG A 313 14.77 -13.86 -1.15
C ARG A 313 13.78 -14.93 -0.62
N THR A 314 13.32 -15.82 -1.50
CA THR A 314 12.49 -16.99 -1.15
C THR A 314 13.15 -18.28 -1.70
N ALA A 315 14.37 -18.22 -2.25
CA ALA A 315 15.05 -19.41 -2.79
C ALA A 315 15.59 -20.30 -1.67
C8 EFH B . -2.58 17.06 -6.05
C1 EFH B . -1.44 15.27 -3.16
C5 EFH B . -3.43 16.10 -4.23
C6 EFH B . -2.07 15.88 -4.22
C4 EFH B . -4.22 15.67 -3.18
C3 EFH B . -3.60 15.04 -2.11
C2 EFH B . -2.21 14.85 -2.09
O7 EFH B . -1.51 16.39 -5.38
O9 EFH B . -3.80 16.74 -5.38
C10 EFH B . -1.55 14.17 -0.91
N11 EFH B . -0.61 13.08 -1.23
C12 EFH B . -0.87 11.81 -1.90
C13 EFH B . -1.65 10.86 -1.02
C14 EFH B . -2.00 9.59 -1.80
N15 EFH B . -0.78 8.97 -2.31
C16 EFH B . -0.66 7.63 -2.15
O17 EFH B . -1.49 6.90 -1.64
C27 EFH B . -0.01 9.85 -3.20
C28 EFH B . 0.37 11.14 -2.48
C29 EFH B . 0.48 13.67 -0.66
O30 EFH B . 1.64 13.31 -0.55
C31 EFH B . -0.34 14.89 -0.21
C32 EFH B . -0.48 15.09 1.29
C33 EFH B . 0.43 14.53 2.16
C34 EFH B . 0.27 14.71 3.50
C35 EFH B . -0.78 15.42 4.04
C36 EFH B . -1.70 15.95 3.17
C37 EFH B . -1.57 15.78 1.80
F38 EFH B . 1.20 14.19 4.34
C1 EDO C . -3.01 5.89 -6.17
O1 EDO C . -2.04 5.37 -7.06
C2 EDO C . -2.41 6.10 -4.80
O2 EDO C . -1.68 7.33 -4.78
C1 EDO D . -8.63 -7.91 16.12
O1 EDO D . -7.36 -8.57 16.09
C2 EDO D . -9.65 -8.64 16.95
O2 EDO D . -9.80 -9.95 16.44
C1 EDO E . 11.77 10.78 4.14
O1 EDO E . 12.19 9.49 3.74
C2 EDO E . 12.30 11.10 5.51
O2 EDO E . 12.35 12.51 5.65
C1 EDO F . -15.16 3.31 -2.51
O1 EDO F . -16.40 2.89 -1.95
C2 EDO F . -15.41 4.57 -3.26
O2 EDO F . -15.25 5.68 -2.40
#